data_4YXS
#
_entry.id   4YXS
#
_cell.length_a   73.160
_cell.length_b   75.350
_cell.length_c   80.000
_cell.angle_alpha   90.00
_cell.angle_beta   90.00
_cell.angle_gamma   90.00
#
_symmetry.space_group_name_H-M   'P 21 21 21'
#
loop_
_entity.id
_entity.type
_entity.pdbx_description
1 polymer 'cAMP-dependent protein kinase catalytic subunit alpha'
2 polymer 'cAMP-dependent protein kinase inhibitor alpha'
3 non-polymer N-BENZYL-9H-PURIN-6-AMINE
4 water water
#
loop_
_entity_poly.entity_id
_entity_poly.type
_entity_poly.pdbx_seq_one_letter_code
_entity_poly.pdbx_strand_id
1 'polypeptide(L)'
;GNAAAAKKGSEQESVKEFLAKAKEDFLKKWENPAQNTAHLDQFERIKTLGTGSFGRVMLVKHMETGNHYAMKILDKQKVV
KLKQIEHTLNEKRILQAVNFPFLVKLEFSFKDNSNLYMVMEYVPGGEMFSHLRRIGRFSEPHARFYAAQIVLTFEYLHSL
DLIYRDLKPENLLIDQQGYIQVTDFGFAKRVKGRTW(TPO)LCGTPEYLAPEIILSKGYNKAVDWWALGVLIYEMAAGYP
PFFADQPIQIYEKIVSGKVRFPSHFSSDLKDLLRNLLQVDLTKRFGNLKDGVNDIKNHKWFATTDWIAIYQRKVEAPFIP
KFKGPGDTSNFDDYEEEEIRV(SEP)INEKCGKEFSEF
;
A
2 'polypeptide(L)' TTYADFIASGRTGRRNAIHD I
#
loop_
_chem_comp.id
_chem_comp.type
_chem_comp.name
_chem_comp.formula
EMU non-polymer N-BENZYL-9H-PURIN-6-AMINE 'C12 H11 N5'
#
# COMPACT_ATOMS: atom_id res chain seq x y z
N SER A 14 15.06 18.30 13.51
CA SER A 14 13.85 17.85 14.21
C SER A 14 13.15 16.69 13.50
N VAL A 15 13.12 16.70 12.15
CA VAL A 15 12.59 15.59 11.34
C VAL A 15 13.58 14.45 11.62
N LYS A 16 14.90 14.78 11.58
CA LYS A 16 16.03 13.89 11.90
C LYS A 16 15.87 13.33 13.31
N GLU A 17 15.41 14.17 14.26
CA GLU A 17 15.23 13.77 15.64
C GLU A 17 14.02 12.88 15.81
N PHE A 18 12.90 13.22 15.14
CA PHE A 18 11.68 12.42 15.16
C PHE A 18 12.00 11.01 14.62
N LEU A 19 12.71 10.98 13.49
CA LEU A 19 13.07 9.74 12.80
C LEU A 19 14.00 8.84 13.59
N ALA A 20 15.01 9.41 14.29
CA ALA A 20 15.96 8.64 15.11
C ALA A 20 15.25 7.93 16.26
N LYS A 21 14.27 8.61 16.87
CA LYS A 21 13.49 8.06 17.96
C LYS A 21 12.55 6.99 17.45
N ALA A 22 11.95 7.22 16.25
CA ALA A 22 11.06 6.28 15.55
C ALA A 22 11.82 4.99 15.24
N LYS A 23 13.13 5.13 14.88
CA LYS A 23 14.02 4.01 14.57
C LYS A 23 14.30 3.16 15.80
N GLU A 24 14.53 3.79 16.96
CA GLU A 24 14.76 3.11 18.25
C GLU A 24 13.54 2.25 18.58
N ASP A 25 12.33 2.83 18.42
CA ASP A 25 11.06 2.15 18.67
C ASP A 25 10.90 0.95 17.74
N PHE A 26 11.21 1.15 16.45
CA PHE A 26 11.07 0.10 15.42
C PHE A 26 11.99 -1.05 15.67
N LEU A 27 13.28 -0.75 15.90
CA LEU A 27 14.31 -1.75 16.14
C LEU A 27 14.01 -2.70 17.28
N LYS A 28 13.41 -2.22 18.36
CA LYS A 28 13.09 -3.08 19.51
C LYS A 28 12.04 -4.11 19.14
N LYS A 29 11.04 -3.71 18.37
CA LYS A 29 9.96 -4.59 17.92
C LYS A 29 10.46 -5.50 16.78
N TRP A 30 11.31 -4.95 15.90
CA TRP A 30 11.93 -5.68 14.78
C TRP A 30 12.76 -6.85 15.33
N GLU A 31 13.62 -6.58 16.34
CA GLU A 31 14.48 -7.61 16.94
C GLU A 31 13.73 -8.57 17.88
N ASN A 32 12.62 -8.12 18.50
CA ASN A 32 11.81 -8.97 19.39
C ASN A 32 10.32 -8.92 19.00
N PRO A 33 9.92 -9.61 17.90
CA PRO A 33 8.53 -9.51 17.41
C PRO A 33 7.40 -10.09 18.26
N ALA A 34 6.24 -9.36 18.33
CA ALA A 34 5.05 -9.88 19.01
C ALA A 34 4.58 -11.09 18.19
N GLN A 35 4.15 -12.13 18.88
CA GLN A 35 3.77 -13.42 18.33
C GLN A 35 2.67 -14.05 19.19
N ASN A 36 1.63 -14.66 18.55
CA ASN A 36 0.54 -15.39 19.22
C ASN A 36 -0.19 -14.54 20.28
N THR A 37 -0.72 -13.39 19.84
CA THR A 37 -1.35 -12.40 20.70
C THR A 37 -2.87 -12.51 20.78
N ALA A 38 -3.45 -13.48 20.06
CA ALA A 38 -4.89 -13.75 20.07
C ALA A 38 -5.16 -15.15 19.52
N HIS A 39 -6.45 -15.54 19.42
CA HIS A 39 -6.89 -16.84 18.91
C HIS A 39 -8.12 -16.57 18.06
N LEU A 40 -8.34 -17.41 17.04
CA LEU A 40 -9.45 -17.29 16.09
C LEU A 40 -10.82 -17.18 16.74
N ASP A 41 -11.06 -17.97 17.82
CA ASP A 41 -12.35 -17.99 18.49
C ASP A 41 -12.68 -16.78 19.34
N GLN A 42 -11.77 -15.78 19.38
CA GLN A 42 -12.01 -14.52 20.08
C GLN A 42 -12.70 -13.50 19.15
N PHE A 43 -12.83 -13.86 17.87
CA PHE A 43 -13.38 -12.98 16.87
C PHE A 43 -14.56 -13.58 16.16
N GLU A 44 -15.59 -12.75 15.94
CA GLU A 44 -16.78 -13.15 15.21
C GLU A 44 -16.52 -12.70 13.77
N ARG A 45 -16.54 -13.64 12.81
CA ARG A 45 -16.31 -13.33 11.39
C ARG A 45 -17.61 -12.79 10.80
N ILE A 46 -17.54 -11.63 10.13
CA ILE A 46 -18.71 -10.94 9.60
C ILE A 46 -18.83 -10.98 8.08
N LYS A 47 -17.88 -10.36 7.36
CA LYS A 47 -17.98 -10.22 5.90
C LYS A 47 -16.59 -10.00 5.28
N THR A 48 -16.42 -10.37 4.00
CA THR A 48 -15.16 -10.17 3.28
C THR A 48 -15.09 -8.75 2.73
N LEU A 49 -14.04 -8.03 3.10
CA LEU A 49 -13.77 -6.64 2.70
C LEU A 49 -12.97 -6.56 1.38
N GLY A 50 -12.20 -7.61 1.10
CA GLY A 50 -11.33 -7.75 -0.06
C GLY A 50 -10.63 -9.11 -0.07
N THR A 51 -10.15 -9.54 -1.25
CA THR A 51 -9.51 -10.86 -1.42
C THR A 51 -8.06 -10.80 -1.93
N GLY A 52 -7.46 -11.99 -2.03
CA GLY A 52 -6.09 -12.24 -2.49
C GLY A 52 -5.81 -13.72 -2.77
N SER A 53 -4.60 -14.00 -3.28
CA SER A 53 -4.11 -15.33 -3.67
C SER A 53 -4.06 -16.35 -2.54
N PHE A 54 -3.85 -15.89 -1.30
CA PHE A 54 -3.69 -16.77 -0.15
C PHE A 54 -4.91 -16.91 0.76
N GLY A 55 -5.91 -16.05 0.59
CA GLY A 55 -7.15 -16.06 1.37
C GLY A 55 -8.04 -14.85 1.15
N ARG A 56 -8.26 -14.08 2.23
CA ARG A 56 -9.13 -12.89 2.27
C ARG A 56 -8.84 -11.95 3.46
N VAL A 57 -9.40 -10.73 3.41
CA VAL A 57 -9.41 -9.77 4.50
C VAL A 57 -10.89 -9.67 4.91
N MET A 58 -11.20 -10.04 6.16
CA MET A 58 -12.55 -10.06 6.66
C MET A 58 -12.82 -9.02 7.76
N LEU A 59 -14.04 -8.50 7.78
CA LEU A 59 -14.52 -7.65 8.88
C LEU A 59 -14.84 -8.65 10.00
N VAL A 60 -14.27 -8.41 11.18
CA VAL A 60 -14.48 -9.28 12.35
C VAL A 60 -14.88 -8.44 13.56
N LYS A 61 -15.43 -9.09 14.60
CA LYS A 61 -15.75 -8.39 15.84
C LYS A 61 -15.03 -9.06 16.99
N HIS A 62 -14.24 -8.29 17.73
CA HIS A 62 -13.51 -8.81 18.89
C HIS A 62 -14.52 -8.85 20.04
N MET A 63 -14.96 -10.04 20.45
CA MET A 63 -16.01 -10.21 21.47
C MET A 63 -15.74 -9.58 22.83
N GLU A 64 -14.48 -9.67 23.33
CA GLU A 64 -14.09 -9.11 24.60
C GLU A 64 -14.24 -7.59 24.67
N THR A 65 -13.94 -6.88 23.58
CA THR A 65 -14.01 -5.41 23.55
C THR A 65 -15.19 -4.80 22.78
N GLY A 66 -15.77 -5.56 21.86
CA GLY A 66 -16.84 -5.08 20.98
C GLY A 66 -16.26 -4.32 19.80
N ASN A 67 -14.92 -4.29 19.68
CA ASN A 67 -14.24 -3.61 18.57
C ASN A 67 -14.31 -4.42 17.30
N HIS A 68 -14.48 -3.73 16.17
CA HIS A 68 -14.46 -4.33 14.85
C HIS A 68 -13.03 -4.22 14.34
N TYR A 69 -12.60 -5.24 13.62
CA TYR A 69 -11.25 -5.29 13.04
C TYR A 69 -11.32 -5.87 11.66
N ALA A 70 -10.22 -5.72 10.90
CA ALA A 70 -10.07 -6.29 9.57
C ALA A 70 -9.02 -7.38 9.73
N MET A 71 -9.43 -8.63 9.55
CA MET A 71 -8.55 -9.77 9.71
C MET A 71 -8.08 -10.36 8.37
N LYS A 72 -6.76 -10.37 8.13
CA LYS A 72 -6.18 -10.96 6.92
C LYS A 72 -5.91 -12.42 7.24
N ILE A 73 -6.46 -13.31 6.41
CA ILE A 73 -6.32 -14.76 6.52
C ILE A 73 -5.47 -15.26 5.37
N LEU A 74 -4.39 -16.00 5.69
N LEU A 74 -4.39 -15.99 5.67
CA LEU A 74 -3.46 -16.59 4.71
CA LEU A 74 -3.52 -16.56 4.64
C LEU A 74 -3.45 -18.09 4.91
C LEU A 74 -3.39 -18.05 4.87
N ASP A 75 -3.73 -18.83 3.85
CA ASP A 75 -3.65 -20.28 3.87
C ASP A 75 -2.15 -20.60 3.73
N LYS A 76 -1.55 -21.26 4.73
CA LYS A 76 -0.12 -21.59 4.72
C LYS A 76 0.28 -22.38 3.49
N GLN A 77 -0.55 -23.37 3.07
CA GLN A 77 -0.25 -24.21 1.89
C GLN A 77 -0.23 -23.39 0.59
N LYS A 78 -1.14 -22.41 0.46
CA LYS A 78 -1.16 -21.53 -0.71
C LYS A 78 0.06 -20.61 -0.70
N VAL A 79 0.48 -20.12 0.48
CA VAL A 79 1.66 -19.25 0.61
C VAL A 79 2.91 -20.01 0.12
N VAL A 80 3.06 -21.27 0.57
CA VAL A 80 4.18 -22.15 0.21
C VAL A 80 4.21 -22.40 -1.30
N LYS A 81 3.04 -22.78 -1.88
CA LYS A 81 2.87 -23.05 -3.31
C LYS A 81 3.28 -21.87 -4.17
N LEU A 82 2.97 -20.65 -3.70
CA LEU A 82 3.26 -19.43 -4.42
C LEU A 82 4.63 -18.83 -4.14
N LYS A 83 5.43 -19.56 -3.34
CA LYS A 83 6.80 -19.20 -2.91
C LYS A 83 6.84 -17.82 -2.27
N GLN A 84 5.85 -17.55 -1.40
CA GLN A 84 5.68 -16.30 -0.70
C GLN A 84 5.96 -16.43 0.79
N ILE A 85 6.72 -17.48 1.21
CA ILE A 85 7.03 -17.70 2.63
C ILE A 85 7.75 -16.49 3.24
N GLU A 86 8.95 -16.16 2.69
CA GLU A 86 9.77 -15.04 3.17
C GLU A 86 9.03 -13.71 3.15
N HIS A 87 8.30 -13.44 2.06
CA HIS A 87 7.48 -12.24 1.91
C HIS A 87 6.38 -12.14 2.99
N THR A 88 5.79 -13.29 3.36
CA THR A 88 4.76 -13.34 4.41
C THR A 88 5.36 -13.02 5.80
N LEU A 89 6.52 -13.61 6.08
CA LEU A 89 7.25 -13.38 7.32
C LEU A 89 7.70 -11.92 7.38
N ASN A 90 8.09 -11.31 6.22
CA ASN A 90 8.43 -9.88 6.12
C ASN A 90 7.21 -9.06 6.48
N GLU A 91 6.05 -9.35 5.86
CA GLU A 91 4.81 -8.62 6.09
C GLU A 91 4.45 -8.49 7.60
N LYS A 92 4.41 -9.61 8.31
CA LYS A 92 4.01 -9.64 9.71
C LYS A 92 5.09 -9.01 10.61
N ARG A 93 6.37 -9.39 10.41
CA ARG A 93 7.49 -8.85 11.17
C ARG A 93 7.60 -7.33 11.06
N ILE A 94 7.39 -6.78 9.86
CA ILE A 94 7.44 -5.34 9.63
C ILE A 94 6.22 -4.67 10.23
N LEU A 95 4.99 -5.16 9.89
CA LEU A 95 3.73 -4.57 10.33
C LEU A 95 3.63 -4.46 11.85
N GLN A 96 4.05 -5.51 12.57
CA GLN A 96 4.05 -5.46 14.03
C GLN A 96 5.07 -4.46 14.60
N ALA A 97 6.07 -4.03 13.80
CA ALA A 97 7.13 -3.17 14.31
C ALA A 97 7.00 -1.70 13.95
N VAL A 98 6.17 -1.38 12.97
CA VAL A 98 6.01 0.00 12.53
C VAL A 98 4.94 0.76 13.33
N ASN A 99 5.03 2.11 13.30
CA ASN A 99 4.13 3.01 13.99
C ASN A 99 4.16 4.36 13.29
N PHE A 100 3.11 4.67 12.54
CA PHE A 100 2.99 5.92 11.77
C PHE A 100 1.51 6.20 11.54
N PRO A 101 1.07 7.50 11.53
CA PRO A 101 -0.36 7.80 11.35
C PRO A 101 -0.99 7.27 10.08
N PHE A 102 -0.18 7.04 9.03
CA PHE A 102 -0.73 6.60 7.76
C PHE A 102 -0.52 5.13 7.42
N LEU A 103 -0.10 4.35 8.43
CA LEU A 103 0.12 2.92 8.34
C LEU A 103 -0.90 2.23 9.18
N VAL A 104 -1.68 1.31 8.60
CA VAL A 104 -2.71 0.57 9.35
C VAL A 104 -2.03 -0.17 10.55
N LYS A 105 -2.66 -0.12 11.74
CA LYS A 105 -2.10 -0.78 12.91
C LYS A 105 -2.38 -2.28 12.88
N LEU A 106 -1.38 -3.10 13.26
CA LEU A 106 -1.60 -4.53 13.42
C LEU A 106 -1.91 -4.72 14.92
N GLU A 107 -3.15 -5.10 15.24
CA GLU A 107 -3.60 -5.27 16.63
C GLU A 107 -3.19 -6.60 17.19
N PHE A 108 -3.38 -7.70 16.41
CA PHE A 108 -3.06 -9.07 16.82
C PHE A 108 -2.56 -9.90 15.63
N SER A 109 -1.82 -10.96 15.93
CA SER A 109 -1.43 -11.93 14.92
C SER A 109 -1.36 -13.26 15.60
N PHE A 110 -1.70 -14.32 14.87
CA PHE A 110 -1.64 -15.68 15.39
C PHE A 110 -1.71 -16.63 14.23
N LYS A 111 -1.62 -17.94 14.49
CA LYS A 111 -1.73 -18.96 13.45
C LYS A 111 -2.37 -20.21 14.00
N ASP A 112 -2.93 -21.04 13.11
CA ASP A 112 -3.48 -22.33 13.53
C ASP A 112 -2.91 -23.39 12.64
N ASN A 113 -3.48 -24.61 12.62
CA ASN A 113 -2.97 -25.69 11.78
C ASN A 113 -2.93 -25.34 10.29
N SER A 114 -3.90 -24.53 9.82
CA SER A 114 -4.06 -24.24 8.41
C SER A 114 -3.63 -22.86 7.98
N ASN A 115 -3.90 -21.87 8.81
CA ASN A 115 -3.77 -20.48 8.41
C ASN A 115 -2.91 -19.56 9.24
N LEU A 116 -2.63 -18.37 8.65
CA LEU A 116 -1.94 -17.27 9.30
C LEU A 116 -2.98 -16.15 9.41
N TYR A 117 -2.96 -15.41 10.53
CA TYR A 117 -3.93 -14.35 10.78
C TYR A 117 -3.28 -13.07 11.20
N MET A 118 -3.73 -11.96 10.62
CA MET A 118 -3.23 -10.64 10.99
C MET A 118 -4.46 -9.77 11.21
N VAL A 119 -4.70 -9.40 12.47
CA VAL A 119 -5.88 -8.62 12.85
C VAL A 119 -5.46 -7.18 12.89
N MET A 120 -6.03 -6.39 12.01
CA MET A 120 -5.67 -5.00 11.86
C MET A 120 -6.82 -4.07 12.16
N GLU A 121 -6.51 -2.78 12.36
CA GLU A 121 -7.52 -1.75 12.58
C GLU A 121 -8.44 -1.74 11.35
N TYR A 122 -9.76 -1.71 11.59
CA TYR A 122 -10.74 -1.67 10.51
C TYR A 122 -10.86 -0.22 9.99
N VAL A 123 -10.69 -0.03 8.67
CA VAL A 123 -10.76 1.28 8.00
C VAL A 123 -12.07 1.31 7.21
N PRO A 124 -13.16 1.89 7.79
CA PRO A 124 -14.49 1.80 7.14
C PRO A 124 -14.75 2.55 5.85
N GLY A 125 -14.00 3.62 5.60
CA GLY A 125 -14.16 4.48 4.44
C GLY A 125 -13.93 3.86 3.07
N GLY A 126 -13.36 2.66 3.04
CA GLY A 126 -13.12 1.93 1.80
C GLY A 126 -11.81 2.28 1.14
N GLU A 127 -11.53 1.62 0.02
CA GLU A 127 -10.30 1.87 -0.74
C GLU A 127 -10.36 3.17 -1.52
N MET A 128 -9.20 3.86 -1.63
CA MET A 128 -9.11 5.06 -2.46
C MET A 128 -9.51 4.68 -3.89
N PHE A 129 -9.12 3.46 -4.33
CA PHE A 129 -9.44 2.92 -5.65
C PHE A 129 -10.92 3.09 -6.02
N SER A 130 -11.84 2.65 -5.14
CA SER A 130 -13.29 2.74 -5.35
C SER A 130 -13.74 4.18 -5.56
N HIS A 131 -13.29 5.11 -4.69
CA HIS A 131 -13.69 6.52 -4.76
C HIS A 131 -13.13 7.20 -6.02
N LEU A 132 -11.89 6.86 -6.40
CA LEU A 132 -11.24 7.40 -7.58
C LEU A 132 -11.92 6.97 -8.88
N ARG A 133 -12.22 5.66 -9.02
CA ARG A 133 -12.92 5.10 -10.18
C ARG A 133 -14.35 5.68 -10.32
N ARG A 134 -15.12 5.75 -9.23
CA ARG A 134 -16.48 6.31 -9.22
C ARG A 134 -16.48 7.81 -9.62
N ILE A 135 -15.70 8.65 -8.91
CA ILE A 135 -15.60 10.10 -9.12
C ILE A 135 -14.92 10.45 -10.46
N GLY A 136 -14.06 9.56 -10.93
CA GLY A 136 -13.33 9.76 -12.19
C GLY A 136 -11.90 10.15 -11.92
N ARG A 137 -11.69 11.35 -11.36
CA ARG A 137 -10.37 11.88 -11.01
C ARG A 137 -10.48 12.84 -9.82
N PHE A 138 -9.37 13.09 -9.15
CA PHE A 138 -9.32 14.03 -8.05
C PHE A 138 -8.74 15.31 -8.58
N SER A 139 -9.15 16.44 -7.97
CA SER A 139 -8.59 17.75 -8.31
C SER A 139 -7.13 17.74 -7.80
N GLU A 140 -6.30 18.68 -8.27
CA GLU A 140 -4.92 18.77 -7.80
C GLU A 140 -4.81 18.97 -6.28
N PRO A 141 -5.62 19.86 -5.62
CA PRO A 141 -5.54 19.95 -4.16
C PRO A 141 -5.93 18.65 -3.45
N HIS A 142 -6.91 17.90 -3.99
CA HIS A 142 -7.39 16.62 -3.44
C HIS A 142 -6.26 15.59 -3.58
N ALA A 143 -5.62 15.51 -4.78
CA ALA A 143 -4.50 14.58 -5.05
C ALA A 143 -3.30 14.93 -4.18
N ARG A 144 -2.97 16.25 -4.07
CA ARG A 144 -1.87 16.79 -3.26
C ARG A 144 -2.02 16.37 -1.79
N PHE A 145 -3.26 16.47 -1.23
CA PHE A 145 -3.53 16.06 0.15
C PHE A 145 -3.12 14.57 0.38
N TYR A 146 -3.50 13.67 -0.55
CA TYR A 146 -3.16 12.24 -0.44
C TYR A 146 -1.69 11.98 -0.67
N ALA A 147 -1.13 12.61 -1.71
CA ALA A 147 0.29 12.48 -2.08
C ALA A 147 1.20 12.85 -0.93
N ALA A 148 0.85 13.92 -0.19
CA ALA A 148 1.63 14.42 0.96
C ALA A 148 1.73 13.36 2.06
N GLN A 149 0.65 12.62 2.30
CA GLN A 149 0.62 11.54 3.27
C GLN A 149 1.50 10.38 2.84
N ILE A 150 1.54 10.07 1.51
CA ILE A 150 2.41 9.03 0.95
C ILE A 150 3.88 9.44 1.09
N VAL A 151 4.20 10.73 0.79
CA VAL A 151 5.55 11.29 0.88
C VAL A 151 6.12 11.10 2.32
N LEU A 152 5.33 11.44 3.35
CA LEU A 152 5.72 11.29 4.75
C LEU A 152 5.87 9.80 5.13
N THR A 153 4.92 8.96 4.69
CA THR A 153 4.92 7.52 4.98
C THR A 153 6.21 6.89 4.41
N PHE A 154 6.55 7.23 3.15
CA PHE A 154 7.77 6.71 2.53
C PHE A 154 9.02 7.27 3.20
N GLU A 155 9.01 8.57 3.53
CA GLU A 155 10.14 9.14 4.27
C GLU A 155 10.37 8.31 5.58
N TYR A 156 9.27 8.01 6.32
CA TYR A 156 9.32 7.17 7.53
C TYR A 156 9.82 5.74 7.21
N LEU A 157 9.19 5.04 6.23
CA LEU A 157 9.57 3.65 5.90
C LEU A 157 11.01 3.51 5.45
N HIS A 158 11.44 4.37 4.50
CA HIS A 158 12.79 4.38 3.94
C HIS A 158 13.85 4.67 5.00
N SER A 159 13.53 5.50 6.02
CA SER A 159 14.48 5.80 7.09
C SER A 159 14.73 4.55 7.95
N LEU A 160 13.79 3.58 7.94
CA LEU A 160 13.90 2.33 8.70
C LEU A 160 14.45 1.19 7.84
N ASP A 161 14.96 1.54 6.64
CA ASP A 161 15.47 0.60 5.64
C ASP A 161 14.37 -0.27 5.02
N LEU A 162 13.15 0.24 5.03
CA LEU A 162 12.02 -0.50 4.46
C LEU A 162 11.63 0.03 3.08
N ILE A 163 11.41 -0.91 2.13
CA ILE A 163 10.90 -0.63 0.79
C ILE A 163 9.50 -1.21 0.84
N TYR A 164 8.50 -0.42 0.39
CA TYR A 164 7.10 -0.81 0.44
C TYR A 164 6.73 -1.72 -0.73
N ARG A 165 7.05 -1.26 -1.96
CA ARG A 165 6.91 -2.02 -3.21
C ARG A 165 5.48 -2.38 -3.68
N ASP A 166 4.43 -1.80 -3.11
CA ASP A 166 3.09 -2.08 -3.63
C ASP A 166 2.14 -0.91 -3.59
N LEU A 167 2.67 0.31 -3.88
CA LEU A 167 1.82 1.49 -3.88
C LEU A 167 0.83 1.43 -5.03
N LYS A 168 -0.45 1.67 -4.71
CA LYS A 168 -1.56 1.72 -5.69
C LYS A 168 -2.81 2.13 -4.94
N PRO A 169 -3.83 2.71 -5.59
CA PRO A 169 -5.05 3.12 -4.87
C PRO A 169 -5.78 2.01 -4.14
N GLU A 170 -5.66 0.76 -4.65
CA GLU A 170 -6.25 -0.45 -4.07
C GLU A 170 -5.77 -0.64 -2.62
N ASN A 171 -4.50 -0.28 -2.34
CA ASN A 171 -3.87 -0.48 -1.01
C ASN A 171 -3.97 0.71 -0.07
N LEU A 172 -4.63 1.79 -0.52
CA LEU A 172 -4.76 2.99 0.28
C LEU A 172 -6.19 3.14 0.78
N LEU A 173 -6.40 2.93 2.09
CA LEU A 173 -7.73 3.01 2.65
C LEU A 173 -8.02 4.42 3.19
N ILE A 174 -9.29 4.83 3.16
CA ILE A 174 -9.68 6.16 3.62
C ILE A 174 -10.35 6.02 4.98
N ASP A 175 -9.76 6.65 6.03
CA ASP A 175 -10.35 6.56 7.37
C ASP A 175 -11.54 7.52 7.59
N GLN A 176 -12.13 7.49 8.82
CA GLN A 176 -13.25 8.36 9.20
C GLN A 176 -12.93 9.85 9.08
N GLN A 177 -11.65 10.23 9.20
CA GLN A 177 -11.17 11.61 9.06
C GLN A 177 -10.73 11.96 7.62
N GLY A 178 -10.95 11.05 6.67
CA GLY A 178 -10.59 11.24 5.28
C GLY A 178 -9.09 11.16 5.01
N TYR A 179 -8.34 10.64 5.99
CA TYR A 179 -6.89 10.44 5.86
C TYR A 179 -6.61 9.01 5.39
N ILE A 180 -5.44 8.80 4.78
CA ILE A 180 -4.98 7.51 4.26
C ILE A 180 -4.45 6.58 5.35
N GLN A 181 -4.75 5.28 5.17
CA GLN A 181 -4.18 4.17 5.92
C GLN A 181 -3.62 3.20 4.87
N VAL A 182 -2.29 3.06 4.85
CA VAL A 182 -1.61 2.14 3.94
C VAL A 182 -1.84 0.71 4.44
N THR A 183 -2.36 -0.15 3.56
CA THR A 183 -2.57 -1.56 3.89
C THR A 183 -1.75 -2.45 2.95
N ASP A 184 -1.66 -3.75 3.27
CA ASP A 184 -0.97 -4.78 2.48
C ASP A 184 0.54 -4.60 2.42
N PHE A 185 1.24 -5.33 3.30
CA PHE A 185 2.70 -5.27 3.38
C PHE A 185 3.37 -6.52 2.85
N GLY A 186 2.66 -7.24 1.98
CA GLY A 186 3.12 -8.50 1.42
C GLY A 186 4.44 -8.43 0.65
N PHE A 187 4.79 -7.23 0.12
CA PHE A 187 6.04 -7.03 -0.64
C PHE A 187 7.02 -6.13 0.10
N ALA A 188 6.66 -5.66 1.29
CA ALA A 188 7.52 -4.81 2.10
C ALA A 188 8.75 -5.62 2.55
N LYS A 189 9.93 -5.00 2.52
CA LYS A 189 11.17 -5.69 2.86
C LYS A 189 12.15 -4.73 3.55
N ARG A 190 12.85 -5.21 4.61
CA ARG A 190 13.90 -4.42 5.25
C ARG A 190 15.23 -4.74 4.51
N VAL A 191 15.76 -3.75 3.75
CA VAL A 191 16.96 -3.95 2.92
C VAL A 191 17.87 -2.76 3.03
N LYS A 192 19.14 -3.00 3.36
CA LYS A 192 20.09 -1.89 3.39
C LYS A 192 20.67 -1.61 2.00
N GLY A 193 20.88 -2.65 1.21
CA GLY A 193 21.41 -2.47 -0.14
C GLY A 193 20.38 -2.56 -1.24
N ARG A 194 20.77 -3.23 -2.32
CA ARG A 194 19.92 -3.46 -3.47
C ARG A 194 19.18 -4.79 -3.33
N THR A 195 18.03 -4.91 -3.99
CA THR A 195 17.23 -6.12 -3.99
C THR A 195 16.80 -6.45 -5.41
N TRP A 196 16.36 -7.71 -5.66
CA TRP A 196 16.10 -8.18 -7.02
C TRP A 196 14.74 -8.76 -7.32
N TPO A 197 13.93 -9.08 -6.30
CA TPO A 197 12.65 -9.73 -6.52
CB TPO A 197 11.81 -9.95 -5.23
CG2 TPO A 197 10.54 -10.82 -5.56
OG1 TPO A 197 12.67 -10.69 -4.33
P TPO A 197 13.00 -9.94 -2.99
O1P TPO A 197 14.13 -10.67 -2.32
O2P TPO A 197 13.48 -8.51 -3.28
O3P TPO A 197 11.74 -9.76 -2.18
C TPO A 197 11.73 -8.98 -7.46
O TPO A 197 11.46 -7.80 -7.24
N LEU A 198 11.25 -9.67 -8.49
CA LEU A 198 10.26 -9.10 -9.40
C LEU A 198 8.91 -9.17 -8.68
N CYS A 199 8.40 -8.01 -8.21
CA CYS A 199 7.12 -7.95 -7.50
C CYS A 199 6.55 -6.56 -7.64
N GLY A 200 5.25 -6.45 -7.45
CA GLY A 200 4.52 -5.18 -7.48
C GLY A 200 3.30 -5.30 -8.35
N THR A 201 2.81 -4.19 -8.88
CA THR A 201 1.63 -4.18 -9.78
C THR A 201 2.09 -3.63 -11.15
N PRO A 202 1.76 -4.30 -12.28
CA PRO A 202 2.25 -3.86 -13.61
C PRO A 202 2.36 -2.35 -13.88
N GLU A 203 1.25 -1.61 -13.68
CA GLU A 203 1.13 -0.16 -13.89
C GLU A 203 2.09 0.67 -13.03
N TYR A 204 2.43 0.17 -11.83
CA TYR A 204 3.27 0.86 -10.85
C TYR A 204 4.74 0.46 -10.83
N LEU A 205 5.14 -0.53 -11.65
CA LEU A 205 6.55 -1.00 -11.66
C LEU A 205 7.51 0.00 -12.28
N ALA A 206 8.61 0.29 -11.57
CA ALA A 206 9.70 1.14 -12.07
C ALA A 206 10.43 0.37 -13.21
N PRO A 207 11.06 1.06 -14.21
CA PRO A 207 11.77 0.34 -15.29
C PRO A 207 12.86 -0.62 -14.79
N GLU A 208 13.59 -0.25 -13.72
CA GLU A 208 14.65 -1.10 -13.08
C GLU A 208 14.08 -2.47 -12.77
N ILE A 209 12.80 -2.51 -12.26
CA ILE A 209 12.17 -3.79 -11.88
C ILE A 209 11.86 -4.61 -13.12
N ILE A 210 11.23 -3.98 -14.14
CA ILE A 210 10.91 -4.65 -15.39
C ILE A 210 12.19 -5.20 -16.08
N LEU A 211 13.29 -4.46 -16.02
CA LEU A 211 14.55 -4.81 -16.67
C LEU A 211 15.46 -5.75 -15.87
N SER A 212 14.91 -6.42 -14.82
CA SER A 212 15.62 -7.37 -13.92
C SER A 212 16.94 -6.85 -13.39
N LYS A 213 17.00 -5.56 -13.11
CA LYS A 213 18.19 -4.97 -12.52
C LYS A 213 18.03 -5.02 -11.01
N GLY A 214 19.11 -4.80 -10.29
CA GLY A 214 19.05 -4.68 -8.84
C GLY A 214 18.45 -3.31 -8.58
N TYR A 215 17.56 -3.19 -7.60
CA TYR A 215 16.93 -1.91 -7.36
C TYR A 215 16.88 -1.60 -5.89
N ASN A 216 16.55 -0.35 -5.53
CA ASN A 216 16.44 0.11 -4.16
C ASN A 216 15.11 0.88 -3.96
N LYS A 217 15.04 1.72 -2.92
CA LYS A 217 13.90 2.54 -2.48
C LYS A 217 13.33 3.46 -3.55
N ALA A 218 14.16 3.89 -4.54
CA ALA A 218 13.75 4.76 -5.63
C ALA A 218 12.55 4.20 -6.42
N VAL A 219 12.29 2.87 -6.31
CA VAL A 219 11.13 2.27 -6.96
C VAL A 219 9.83 2.77 -6.34
N ASP A 220 9.84 3.08 -5.03
CA ASP A 220 8.68 3.61 -4.31
C ASP A 220 8.40 5.05 -4.80
N TRP A 221 9.48 5.81 -5.09
CA TRP A 221 9.33 7.19 -5.57
C TRP A 221 8.78 7.26 -6.99
N TRP A 222 9.17 6.29 -7.83
CA TRP A 222 8.60 6.15 -9.18
C TRP A 222 7.10 5.82 -9.03
N ALA A 223 6.75 4.84 -8.13
CA ALA A 223 5.35 4.41 -7.87
C ALA A 223 4.49 5.60 -7.40
N LEU A 224 5.09 6.51 -6.61
CA LEU A 224 4.47 7.76 -6.18
C LEU A 224 4.12 8.64 -7.40
N GLY A 225 5.01 8.71 -8.39
CA GLY A 225 4.76 9.42 -9.66
C GLY A 225 3.53 8.85 -10.36
N VAL A 226 3.44 7.50 -10.42
CA VAL A 226 2.30 6.79 -11.04
C VAL A 226 1.01 7.10 -10.25
N LEU A 227 1.09 7.05 -8.91
CA LEU A 227 -0.07 7.35 -8.08
C LEU A 227 -0.58 8.77 -8.28
N ILE A 228 0.31 9.78 -8.20
CA ILE A 228 -0.10 11.18 -8.36
C ILE A 228 -0.74 11.38 -9.73
N TYR A 229 -0.11 10.81 -10.78
CA TYR A 229 -0.66 10.89 -12.12
C TYR A 229 -2.07 10.28 -12.18
N GLU A 230 -2.23 9.04 -11.68
CA GLU A 230 -3.53 8.37 -11.68
C GLU A 230 -4.59 9.12 -10.90
N MET A 231 -4.27 9.62 -9.69
CA MET A 231 -5.25 10.40 -8.91
C MET A 231 -5.69 11.69 -9.65
N ALA A 232 -4.74 12.41 -10.27
CA ALA A 232 -5.08 13.65 -10.98
C ALA A 232 -5.67 13.48 -12.39
N ALA A 233 -5.31 12.38 -13.10
CA ALA A 233 -5.82 12.13 -14.45
C ALA A 233 -7.05 11.23 -14.46
N GLY A 234 -7.16 10.35 -13.47
CA GLY A 234 -8.25 9.38 -13.40
C GLY A 234 -7.89 8.05 -14.07
N TYR A 235 -6.71 7.99 -14.71
CA TYR A 235 -6.16 6.80 -15.37
C TYR A 235 -4.64 6.81 -15.18
N PRO A 236 -3.93 5.65 -15.21
CA PRO A 236 -2.48 5.68 -14.98
C PRO A 236 -1.69 6.19 -16.20
N PRO A 237 -0.42 6.61 -16.01
CA PRO A 237 0.37 7.09 -17.16
C PRO A 237 0.74 6.02 -18.20
N PHE A 238 0.72 4.75 -17.80
CA PHE A 238 1.01 3.61 -18.68
C PHE A 238 -0.03 2.52 -18.43
N PHE A 239 -0.93 2.35 -19.40
CA PHE A 239 -1.94 1.29 -19.36
C PHE A 239 -2.09 0.62 -20.75
N ALA A 240 -2.53 -0.64 -20.76
CA ALA A 240 -2.73 -1.47 -21.94
C ALA A 240 -3.50 -2.67 -21.45
N ASP A 241 -4.04 -3.50 -22.35
CA ASP A 241 -4.82 -4.66 -21.98
C ASP A 241 -3.99 -5.78 -21.39
N GLN A 242 -2.71 -5.89 -21.81
CA GLN A 242 -1.80 -6.94 -21.30
C GLN A 242 -0.53 -6.36 -20.64
N PRO A 243 -0.09 -6.93 -19.47
CA PRO A 243 1.11 -6.41 -18.77
C PRO A 243 2.37 -6.21 -19.62
N ILE A 244 2.64 -7.13 -20.59
CA ILE A 244 3.79 -6.97 -21.51
C ILE A 244 3.75 -5.63 -22.26
N GLN A 245 2.55 -5.21 -22.70
CA GLN A 245 2.36 -3.94 -23.40
C GLN A 245 2.57 -2.76 -22.44
N ILE A 246 2.12 -2.89 -21.17
CA ILE A 246 2.34 -1.87 -20.13
C ILE A 246 3.86 -1.70 -19.92
N TYR A 247 4.60 -2.82 -19.83
CA TYR A 247 6.07 -2.83 -19.61
C TYR A 247 6.81 -2.10 -20.74
N GLU A 248 6.38 -2.28 -22.01
CA GLU A 248 7.00 -1.60 -23.16
C GLU A 248 6.84 -0.10 -22.98
N LYS A 249 5.62 0.36 -22.55
CA LYS A 249 5.35 1.79 -22.32
C LYS A 249 6.24 2.38 -21.23
N ILE A 250 6.36 1.68 -20.08
CA ILE A 250 7.15 2.10 -18.92
C ILE A 250 8.64 2.26 -19.26
N VAL A 251 9.25 1.25 -19.92
CA VAL A 251 10.67 1.29 -20.26
C VAL A 251 11.05 2.42 -21.22
N SER A 252 10.10 2.80 -22.11
CA SER A 252 10.29 3.97 -22.99
C SER A 252 10.19 5.21 -22.07
N GLY A 253 9.25 5.15 -21.12
CA GLY A 253 8.99 6.20 -20.13
C GLY A 253 8.44 7.48 -20.73
N LYS A 254 7.95 7.40 -21.99
CA LYS A 254 7.35 8.53 -22.70
C LYS A 254 6.04 8.78 -21.98
N VAL A 255 5.95 9.93 -21.31
CA VAL A 255 4.72 10.24 -20.58
C VAL A 255 4.04 11.40 -21.25
N ARG A 256 2.72 11.28 -21.46
CA ARG A 256 1.87 12.34 -21.98
C ARG A 256 0.96 12.74 -20.84
N PHE A 257 0.75 14.04 -20.64
CA PHE A 257 -0.08 14.53 -19.55
C PHE A 257 -1.39 15.13 -20.04
N PRO A 258 -2.52 14.93 -19.32
CA PRO A 258 -3.77 15.63 -19.68
C PRO A 258 -3.53 17.14 -19.75
N SER A 259 -4.26 17.86 -20.65
CA SER A 259 -4.15 19.33 -20.82
C SER A 259 -4.46 20.11 -19.55
N HIS A 260 -5.31 19.53 -18.70
CA HIS A 260 -5.71 20.09 -17.42
C HIS A 260 -4.63 20.00 -16.32
N PHE A 261 -3.52 19.26 -16.54
CA PHE A 261 -2.45 19.16 -15.54
C PHE A 261 -1.67 20.49 -15.48
N SER A 262 -1.49 21.05 -14.27
CA SER A 262 -0.74 22.29 -14.06
C SER A 262 0.72 22.09 -14.46
N SER A 263 1.42 23.19 -14.79
CA SER A 263 2.83 23.14 -15.20
C SER A 263 3.71 22.54 -14.07
N ASP A 264 3.40 22.89 -12.81
CA ASP A 264 4.07 22.41 -11.60
C ASP A 264 3.83 20.90 -11.43
N LEU A 265 2.58 20.44 -11.62
CA LEU A 265 2.26 19.01 -11.53
C LEU A 265 3.08 18.21 -12.52
N LYS A 266 3.11 18.66 -13.79
CA LYS A 266 3.88 18.00 -14.85
C LYS A 266 5.37 17.93 -14.52
N ASP A 267 5.95 19.04 -14.02
CA ASP A 267 7.36 19.10 -13.66
C ASP A 267 7.68 18.09 -12.54
N LEU A 268 6.83 18.02 -11.48
CA LEU A 268 7.00 17.05 -10.38
C LEU A 268 6.98 15.61 -10.97
N LEU A 269 6.00 15.32 -11.83
CA LEU A 269 5.80 13.99 -12.42
C LEU A 269 6.96 13.58 -13.35
N ARG A 270 7.55 14.55 -14.08
CA ARG A 270 8.69 14.29 -14.96
C ARG A 270 9.92 13.89 -14.14
N ASN A 271 10.04 14.44 -12.94
CA ASN A 271 11.14 14.14 -12.02
C ASN A 271 10.92 12.81 -11.26
N LEU A 272 9.66 12.47 -10.99
CA LEU A 272 9.29 11.24 -10.30
C LEU A 272 9.29 10.06 -11.29
N LEU A 273 8.79 10.28 -12.52
CA LEU A 273 8.75 9.23 -13.54
C LEU A 273 9.98 9.39 -14.44
N GLN A 274 11.13 9.42 -13.78
CA GLN A 274 12.42 9.57 -14.38
C GLN A 274 13.06 8.19 -14.46
N VAL A 275 13.29 7.70 -15.69
CA VAL A 275 13.92 6.41 -15.92
C VAL A 275 15.38 6.43 -15.41
N ASP A 276 16.03 7.61 -15.47
CA ASP A 276 17.41 7.80 -15.02
C ASP A 276 17.47 8.03 -13.50
N LEU A 277 17.91 7.00 -12.75
CA LEU A 277 18.05 7.02 -11.28
C LEU A 277 18.92 8.11 -10.72
N THR A 278 19.91 8.60 -11.52
CA THR A 278 20.78 9.71 -11.13
C THR A 278 19.99 11.04 -11.14
N LYS A 279 18.83 11.05 -11.83
CA LYS A 279 17.96 12.21 -11.94
C LYS A 279 16.61 12.08 -11.20
N ARG A 280 16.24 10.88 -10.71
CA ARG A 280 14.93 10.69 -10.04
C ARG A 280 14.82 11.37 -8.66
N PHE A 281 13.77 12.19 -8.48
CA PHE A 281 13.45 12.84 -7.22
C PHE A 281 13.17 11.76 -6.17
N GLY A 282 13.68 11.97 -4.97
CA GLY A 282 13.64 11.02 -3.87
C GLY A 282 14.95 10.24 -3.79
N ASN A 283 15.63 10.09 -4.95
CA ASN A 283 16.89 9.38 -5.11
C ASN A 283 18.15 10.25 -5.09
N LEU A 284 18.01 11.58 -5.16
CA LEU A 284 19.16 12.48 -5.20
C LEU A 284 19.76 12.73 -3.81
N LYS A 285 20.90 13.47 -3.76
CA LYS A 285 21.59 13.78 -2.50
C LYS A 285 20.70 14.47 -1.45
N ASP A 286 19.73 15.31 -1.88
CA ASP A 286 18.78 15.96 -0.97
C ASP A 286 17.59 15.04 -0.58
N GLY A 287 17.58 13.81 -1.11
CA GLY A 287 16.56 12.81 -0.83
C GLY A 287 15.13 13.30 -1.02
N VAL A 288 14.30 13.10 0.03
CA VAL A 288 12.88 13.46 0.07
C VAL A 288 12.64 14.98 -0.03
N ASN A 289 13.61 15.79 0.39
CA ASN A 289 13.50 17.24 0.37
C ASN A 289 13.30 17.84 -1.02
N ASP A 290 13.80 17.15 -2.07
CA ASP A 290 13.58 17.55 -3.47
C ASP A 290 12.10 17.45 -3.83
N ILE A 291 11.38 16.49 -3.19
CA ILE A 291 9.95 16.32 -3.39
C ILE A 291 9.19 17.34 -2.55
N LYS A 292 9.45 17.36 -1.22
CA LYS A 292 8.78 18.24 -0.25
C LYS A 292 8.89 19.76 -0.56
N ASN A 293 10.00 20.19 -1.18
CA ASN A 293 10.26 21.60 -1.53
C ASN A 293 9.83 21.95 -2.96
N HIS A 294 9.37 20.95 -3.75
CA HIS A 294 8.91 21.19 -5.12
C HIS A 294 7.69 22.12 -5.14
N LYS A 295 7.63 22.98 -6.15
CA LYS A 295 6.59 23.99 -6.42
C LYS A 295 5.16 23.45 -6.25
N TRP A 296 4.88 22.23 -6.74
CA TRP A 296 3.55 21.61 -6.61
C TRP A 296 3.14 21.40 -5.14
N PHE A 297 4.12 21.30 -4.23
CA PHE A 297 3.84 21.14 -2.79
C PHE A 297 3.98 22.45 -1.96
N ALA A 298 4.14 23.62 -2.62
CA ALA A 298 4.31 24.91 -1.91
C ALA A 298 3.22 25.23 -0.88
N THR A 299 1.98 24.84 -1.16
CA THR A 299 0.85 25.08 -0.26
C THR A 299 0.73 24.01 0.82
N THR A 300 1.55 22.95 0.76
CA THR A 300 1.45 21.87 1.74
C THR A 300 2.20 22.20 3.04
N ASP A 301 1.48 22.13 4.16
CA ASP A 301 2.06 22.28 5.49
C ASP A 301 2.29 20.84 5.99
N TRP A 302 3.52 20.34 5.83
CA TRP A 302 3.97 18.99 6.19
C TRP A 302 3.68 18.56 7.63
N ILE A 303 3.87 19.49 8.59
CA ILE A 303 3.64 19.24 10.00
C ILE A 303 2.14 19.03 10.25
N ALA A 304 1.29 19.93 9.67
CA ALA A 304 -0.16 19.86 9.78
C ALA A 304 -0.71 18.56 9.14
N ILE A 305 -0.07 18.07 8.06
CA ILE A 305 -0.48 16.79 7.42
C ILE A 305 -0.26 15.64 8.44
N TYR A 306 0.97 15.53 8.99
CA TYR A 306 1.35 14.52 9.98
C TYR A 306 0.45 14.54 11.22
N GLN A 307 0.07 15.76 11.66
CA GLN A 307 -0.76 15.98 12.84
C GLN A 307 -2.25 15.81 12.58
N ARG A 308 -2.62 15.62 11.29
CA ARG A 308 -4.00 15.44 10.84
C ARG A 308 -4.88 16.67 11.10
N LYS A 309 -4.28 17.86 11.13
CA LYS A 309 -5.06 19.07 11.35
C LYS A 309 -5.56 19.74 10.05
N VAL A 310 -5.07 19.28 8.88
CA VAL A 310 -5.54 19.77 7.57
C VAL A 310 -6.93 19.14 7.33
N GLU A 311 -7.95 19.95 6.96
CA GLU A 311 -9.26 19.35 6.71
C GLU A 311 -9.24 18.50 5.43
N ALA A 312 -9.78 17.27 5.48
CA ALA A 312 -9.80 16.39 4.32
C ALA A 312 -10.79 16.87 3.25
N PRO A 313 -10.43 16.77 1.95
CA PRO A 313 -11.38 17.20 0.90
C PRO A 313 -12.60 16.27 0.80
N PHE A 314 -12.47 15.04 1.31
CA PHE A 314 -13.54 14.05 1.24
C PHE A 314 -13.62 13.24 2.52
N ILE A 315 -14.80 13.21 3.15
CA ILE A 315 -15.07 12.42 4.36
C ILE A 315 -16.11 11.38 3.96
N PRO A 316 -15.79 10.07 4.06
CA PRO A 316 -16.76 9.04 3.64
C PRO A 316 -17.98 8.95 4.54
N LYS A 317 -19.03 8.32 4.04
CA LYS A 317 -20.24 8.12 4.83
C LYS A 317 -20.10 6.84 5.66
N PHE A 318 -20.60 6.87 6.91
CA PHE A 318 -20.59 5.72 7.83
C PHE A 318 -21.91 5.62 8.56
N LYS A 319 -22.67 4.55 8.29
CA LYS A 319 -23.98 4.29 8.91
C LYS A 319 -23.82 3.45 10.19
N GLY A 320 -22.86 3.87 11.03
CA GLY A 320 -22.55 3.24 12.29
C GLY A 320 -21.37 2.28 12.25
N PRO A 321 -21.01 1.67 13.40
CA PRO A 321 -19.90 0.70 13.39
C PRO A 321 -20.31 -0.64 12.76
N GLY A 322 -19.36 -1.27 12.09
CA GLY A 322 -19.56 -2.54 11.42
C GLY A 322 -20.18 -2.49 10.03
N ASP A 323 -20.45 -1.26 9.50
CA ASP A 323 -21.01 -1.05 8.16
C ASP A 323 -19.89 -1.27 7.13
N THR A 324 -20.23 -1.94 5.99
CA THR A 324 -19.28 -2.30 4.93
C THR A 324 -19.57 -1.70 3.54
N SER A 325 -20.62 -0.87 3.43
CA SER A 325 -21.10 -0.28 2.17
C SER A 325 -20.06 0.45 1.30
N ASN A 326 -18.93 0.90 1.91
CA ASN A 326 -17.83 1.54 1.21
C ASN A 326 -16.92 0.51 0.51
N PHE A 327 -17.26 -0.79 0.65
CA PHE A 327 -16.52 -1.91 0.07
C PHE A 327 -17.44 -2.72 -0.79
N ASP A 328 -16.88 -3.30 -1.88
CA ASP A 328 -17.59 -4.21 -2.77
C ASP A 328 -17.90 -5.50 -2.03
N ASP A 329 -18.90 -6.25 -2.54
CA ASP A 329 -19.28 -7.55 -1.99
C ASP A 329 -18.40 -8.62 -2.63
N TYR A 330 -18.03 -9.65 -1.85
CA TYR A 330 -17.19 -10.76 -2.30
C TYR A 330 -17.82 -12.09 -1.95
N GLU A 331 -17.59 -13.12 -2.76
CA GLU A 331 -18.10 -14.47 -2.47
C GLU A 331 -17.47 -14.97 -1.17
N GLU A 332 -18.31 -15.49 -0.25
CA GLU A 332 -17.83 -15.99 1.05
C GLU A 332 -17.45 -17.46 0.97
N GLU A 333 -16.32 -17.80 1.60
CA GLU A 333 -15.78 -19.15 1.72
C GLU A 333 -15.59 -19.42 3.21
N GLU A 334 -16.10 -20.55 3.71
CA GLU A 334 -15.99 -20.88 5.14
C GLU A 334 -14.57 -21.31 5.52
N ILE A 335 -14.11 -20.87 6.70
CA ILE A 335 -12.78 -21.16 7.23
C ILE A 335 -12.73 -22.59 7.72
N ARG A 336 -11.85 -23.41 7.11
CA ARG A 336 -11.65 -24.78 7.57
C ARG A 336 -10.25 -24.88 8.14
N VAL A 337 -10.17 -25.34 9.39
CA VAL A 337 -8.93 -25.51 10.12
C VAL A 337 -8.67 -27.00 10.20
N SEP A 338 -7.61 -27.46 9.52
CA SEP A 338 -7.23 -28.88 9.50
CB SEP A 338 -6.09 -29.10 8.53
OG SEP A 338 -5.64 -30.44 8.63
C SEP A 338 -6.92 -29.47 10.90
O SEP A 338 -6.57 -28.74 11.82
P SEP A 338 -6.31 -31.44 7.62
O1P SEP A 338 -5.28 -32.55 7.45
O2P SEP A 338 -6.67 -30.93 6.23
O3P SEP A 338 -7.57 -31.87 8.36
N ILE A 339 -7.07 -30.81 11.01
CA ILE A 339 -6.81 -31.61 12.21
C ILE A 339 -5.30 -31.70 12.36
N ASN A 340 -4.58 -31.59 11.23
CA ASN A 340 -3.12 -31.68 11.16
C ASN A 340 -2.45 -30.34 10.93
N GLU A 341 -1.31 -30.10 11.60
CA GLU A 341 -0.56 -28.87 11.39
C GLU A 341 0.10 -28.89 10.00
N LYS A 342 -0.10 -27.80 9.24
CA LYS A 342 0.52 -27.68 7.92
C LYS A 342 1.65 -26.67 8.02
N CYS A 343 2.74 -26.92 7.28
CA CYS A 343 3.88 -26.01 7.16
C CYS A 343 4.35 -25.38 8.48
N GLY A 344 4.54 -26.19 9.51
CA GLY A 344 4.95 -25.74 10.85
C GLY A 344 6.30 -25.04 10.89
N LYS A 345 7.30 -25.69 10.34
CA LYS A 345 8.68 -25.21 10.27
C LYS A 345 8.83 -23.94 9.41
N GLU A 346 8.13 -23.88 8.25
CA GLU A 346 8.14 -22.72 7.35
C GLU A 346 7.71 -21.43 8.05
N PHE A 347 6.69 -21.53 8.90
CA PHE A 347 6.11 -20.39 9.61
C PHE A 347 6.34 -20.31 11.11
N SER A 348 7.33 -21.06 11.68
CA SER A 348 7.58 -21.05 13.14
C SER A 348 7.75 -19.67 13.76
N GLU A 349 8.38 -18.73 13.04
CA GLU A 349 8.57 -17.39 13.59
C GLU A 349 7.32 -16.51 13.52
N PHE A 350 6.29 -16.93 12.79
CA PHE A 350 5.06 -16.12 12.70
C PHE A 350 4.35 -16.12 14.07
N THR B 1 -10.60 9.68 -26.89
CA THR B 1 -9.86 10.30 -25.78
C THR B 1 -9.13 9.22 -24.94
N THR B 2 -8.10 9.62 -24.17
CA THR B 2 -7.37 8.67 -23.31
C THR B 2 -8.30 8.08 -22.23
N TYR B 3 -9.22 8.89 -21.69
CA TYR B 3 -10.20 8.43 -20.72
C TYR B 3 -11.06 7.30 -21.33
N ALA B 4 -11.61 7.53 -22.55
CA ALA B 4 -12.44 6.54 -23.26
C ALA B 4 -11.63 5.25 -23.55
N ASP B 5 -10.33 5.38 -23.88
CA ASP B 5 -9.46 4.21 -24.09
C ASP B 5 -9.23 3.44 -22.79
N PHE B 6 -9.08 4.15 -21.68
CA PHE B 6 -8.90 3.53 -20.39
C PHE B 6 -10.15 2.82 -19.96
N ILE B 7 -11.30 3.51 -20.04
CA ILE B 7 -12.59 2.95 -19.63
C ILE B 7 -12.99 1.71 -20.43
N ALA B 8 -12.62 1.66 -21.72
CA ALA B 8 -12.88 0.51 -22.59
C ALA B 8 -11.82 -0.61 -22.38
N SER B 9 -10.72 -0.34 -21.62
CA SER B 9 -9.67 -1.38 -21.43
C SER B 9 -10.08 -2.41 -20.35
N GLY B 10 -9.37 -3.53 -20.29
CA GLY B 10 -9.64 -4.58 -19.30
C GLY B 10 -8.92 -4.37 -17.98
N ARG B 11 -8.30 -3.19 -17.79
CA ARG B 11 -7.50 -2.84 -16.61
C ARG B 11 -8.07 -1.69 -15.76
N THR B 12 -9.42 -1.60 -15.65
CA THR B 12 -10.06 -0.54 -14.85
C THR B 12 -10.51 -1.10 -13.48
N GLY B 13 -10.47 -2.42 -13.33
CA GLY B 13 -10.84 -3.05 -12.06
C GLY B 13 -9.63 -3.11 -11.14
N ARG B 14 -9.80 -3.73 -9.95
N ARG B 14 -9.81 -3.67 -9.92
CA ARG B 14 -8.72 -3.90 -8.98
CA ARG B 14 -8.74 -3.82 -8.93
C ARG B 14 -7.61 -4.69 -9.66
C ARG B 14 -7.63 -4.68 -9.57
N ARG B 15 -6.40 -4.14 -9.62
CA ARG B 15 -5.27 -4.78 -10.30
C ARG B 15 -4.49 -5.72 -9.42
N ASN B 16 -4.25 -6.93 -9.92
CA ASN B 16 -3.52 -7.95 -9.20
C ASN B 16 -2.03 -7.67 -9.20
N ALA B 17 -1.40 -8.05 -8.11
CA ALA B 17 0.03 -7.99 -7.97
C ALA B 17 0.64 -9.11 -8.82
N ILE B 18 1.90 -8.93 -9.25
CA ILE B 18 2.65 -9.94 -9.99
C ILE B 18 3.88 -10.30 -9.16
N HIS B 19 4.44 -11.51 -9.32
CA HIS B 19 5.64 -11.95 -8.60
C HIS B 19 6.45 -13.06 -9.26
N ASP B 20 7.68 -13.30 -8.75
CA ASP B 20 8.69 -14.31 -9.15
C ASP B 20 9.06 -14.39 -10.64
N1 EMU C . -10.28 -2.99 4.63
C2 EMU C . -10.68 -2.33 5.75
N3 EMU C . -9.84 -2.17 6.77
C4 EMU C . -8.55 -2.69 6.76
C5 EMU C . -8.08 -3.40 5.64
C6 EMU C . -8.98 -3.56 4.50
C9 EMU C . -9.32 -4.13 2.02
N7 EMU C . -6.81 -3.76 5.95
C8 EMU C . -6.61 -3.55 7.24
N9 EMU C . -7.51 -2.66 7.65
C10 EMU C . -8.21 -4.69 1.12
C11 EMU C . -7.29 -3.78 0.40
C12 EMU C . -6.19 -4.29 -0.41
C13 EMU C . -6.05 -5.72 -0.50
C14 EMU C . -6.96 -6.64 0.21
C15 EMU C . -8.04 -6.15 1.03
N10 EMU C . -8.59 -4.21 3.37
#